data_5TK8
#
_entry.id   5TK8
#
_cell.length_a   143.031
_cell.length_b   143.031
_cell.length_c   53.786
_cell.angle_alpha   90.00
_cell.angle_beta   90.00
_cell.angle_gamma   120.00
#
_symmetry.space_group_name_H-M   'H 3 2'
#
loop_
_entity.id
_entity.type
_entity.pdbx_description
1 polymer 'OxsA protein'
2 non-polymer '[(2S,3R,4R)-4-(6-amino-9H-purin-9-yl)-3-(hydroxymethyl)oxetan-2-yl]methyl dihydrogen phosphate'
3 non-polymer 'MAGNESIUM ION'
4 water water
#
_entity_poly.entity_id   1
_entity_poly.type   'polypeptide(L)'
_entity_poly.pdbx_seq_one_letter_code
;MSSLLDIIYQLRQVPRWDGSFQFEKEDVSQHSFSVIAISHILCELKETLEGKKINKEKLLLYALYHDVTEVVSTHIISPV
KKNSILKDPFNAFREQIKNSLFDNLPITLSDTLSTILNNNDLEIQEIVEHADHVDAYCKSCIEVHRGNKDFISIQRSLGD
KLDNLTKEYPYLKEFQNLFLKDFPLENKNYRYLN
;
_entity_poly.pdbx_strand_id   A
#
# COMPACT_ATOMS: atom_id res chain seq x y z
N SER A 2 -9.10 -22.57 -10.60
CA SER A 2 -8.46 -21.60 -9.70
C SER A 2 -9.15 -20.24 -9.75
N SER A 3 -9.14 -19.54 -8.62
CA SER A 3 -9.72 -18.20 -8.51
C SER A 3 -8.69 -17.10 -8.64
N LEU A 4 -7.40 -17.44 -8.83
CA LEU A 4 -6.34 -16.44 -8.73
C LEU A 4 -6.51 -15.31 -9.74
N LEU A 5 -6.72 -15.64 -11.02
CA LEU A 5 -6.84 -14.57 -12.01
C LEU A 5 -8.12 -13.78 -11.81
N ASP A 6 -9.22 -14.46 -11.43
CA ASP A 6 -10.46 -13.74 -11.14
C ASP A 6 -10.26 -12.74 -10.01
N ILE A 7 -9.52 -13.15 -8.98
CA ILE A 7 -9.28 -12.28 -7.83
C ILE A 7 -8.48 -11.05 -8.25
N ILE A 8 -7.46 -11.23 -9.10
CA ILE A 8 -6.65 -10.09 -9.55
C ILE A 8 -7.54 -9.02 -10.18
N TYR A 9 -8.52 -9.44 -10.98
CA TYR A 9 -9.42 -8.47 -11.59
C TYR A 9 -10.54 -8.02 -10.65
N GLN A 10 -10.95 -8.88 -9.72
CA GLN A 10 -12.01 -8.51 -8.77
C GLN A 10 -11.56 -7.40 -7.82
N LEU A 11 -10.25 -7.23 -7.64
CA LEU A 11 -9.78 -6.13 -6.80
C LEU A 11 -10.22 -4.77 -7.33
N ARG A 12 -10.58 -4.67 -8.62
CA ARG A 12 -11.12 -3.42 -9.13
C ARG A 12 -12.48 -3.08 -8.55
N GLN A 13 -13.16 -4.06 -7.95
CA GLN A 13 -14.47 -3.83 -7.34
C GLN A 13 -14.38 -3.55 -5.86
N VAL A 14 -13.18 -3.37 -5.31
CA VAL A 14 -13.00 -3.09 -3.90
C VAL A 14 -12.62 -1.62 -3.75
N PRO A 15 -13.53 -0.77 -3.33
CA PRO A 15 -13.19 0.66 -3.25
C PRO A 15 -12.43 0.98 -1.99
N ARG A 16 -11.54 1.96 -2.11
CA ARG A 16 -10.92 2.57 -0.94
C ARG A 16 -11.62 3.88 -0.58
N TRP A 17 -11.30 4.38 0.61
CA TRP A 17 -11.78 5.68 1.12
C TRP A 17 -13.28 5.71 1.36
N ASP A 18 -13.90 4.57 1.70
CA ASP A 18 -15.31 4.60 2.08
C ASP A 18 -15.57 5.66 3.14
N GLY A 19 -16.69 6.36 3.01
CA GLY A 19 -17.05 7.38 3.97
C GLY A 19 -16.50 8.75 3.67
N SER A 20 -15.65 8.88 2.64
CA SER A 20 -15.07 10.14 2.22
C SER A 20 -15.54 10.48 0.81
N PHE A 21 -15.94 11.73 0.60
CA PHE A 21 -16.15 12.18 -0.77
C PHE A 21 -14.83 12.20 -1.53
N GLN A 22 -14.82 11.62 -2.72
CA GLN A 22 -13.68 11.65 -3.63
C GLN A 22 -14.09 12.21 -4.98
N PHE A 23 -13.25 13.08 -5.54
CA PHE A 23 -13.43 13.46 -6.94
C PHE A 23 -13.08 12.32 -7.88
N GLU A 24 -12.16 11.45 -7.48
CA GLU A 24 -11.81 10.27 -8.27
C GLU A 24 -11.91 9.05 -7.40
N LYS A 25 -12.75 8.10 -7.79
CA LYS A 25 -12.89 6.89 -6.99
C LYS A 25 -11.66 6.03 -7.17
N GLU A 26 -11.12 5.52 -6.07
CA GLU A 26 -9.91 4.71 -6.08
C GLU A 26 -10.23 3.27 -5.71
N ASP A 27 -9.73 2.32 -6.50
CA ASP A 27 -9.89 0.92 -6.17
C ASP A 27 -8.55 0.31 -5.77
N VAL A 28 -8.62 -0.91 -5.23
CA VAL A 28 -7.41 -1.56 -4.70
C VAL A 28 -6.39 -1.84 -5.80
N SER A 29 -6.82 -2.04 -7.05
CA SER A 29 -5.84 -2.32 -8.11
C SER A 29 -5.02 -1.08 -8.44
N GLN A 30 -5.67 0.08 -8.53
CA GLN A 30 -4.96 1.32 -8.75
C GLN A 30 -3.96 1.60 -7.63
N HIS A 31 -4.43 1.46 -6.40
CA HIS A 31 -3.60 1.65 -5.21
C HIS A 31 -2.43 0.69 -5.20
N SER A 32 -2.66 -0.57 -5.57
CA SER A 32 -1.59 -1.57 -5.53
C SER A 32 -0.53 -1.28 -6.58
N PHE A 33 -0.93 -0.87 -7.79
CA PHE A 33 0.05 -0.46 -8.78
C PHE A 33 0.98 0.61 -8.21
N SER A 34 0.39 1.64 -7.58
CA SER A 34 1.20 2.72 -7.01
C SER A 34 2.12 2.21 -5.90
N VAL A 35 1.61 1.32 -5.07
CA VAL A 35 2.40 0.81 -3.95
C VAL A 35 3.57 -0.03 -4.44
N ILE A 36 3.37 -0.82 -5.52
CA ILE A 36 4.51 -1.56 -6.07
C ILE A 36 5.60 -0.60 -6.50
N ALA A 37 5.23 0.45 -7.23
CA ALA A 37 6.22 1.41 -7.71
C ALA A 37 6.89 2.12 -6.56
N ILE A 38 6.12 2.54 -5.55
CA ILE A 38 6.70 3.24 -4.41
C ILE A 38 7.63 2.30 -3.65
N SER A 39 7.20 1.05 -3.45
CA SER A 39 8.06 0.08 -2.75
C SER A 39 9.39 -0.08 -3.46
N HIS A 40 9.37 -0.13 -4.79
CA HIS A 40 10.60 -0.25 -5.56
C HIS A 40 11.51 0.95 -5.31
N ILE A 41 10.95 2.16 -5.42
CA ILE A 41 11.75 3.37 -5.24
C ILE A 41 12.32 3.44 -3.82
N LEU A 42 11.48 3.16 -2.82
CA LEU A 42 11.94 3.17 -1.43
C LEU A 42 13.06 2.17 -1.24
N CYS A 43 12.91 0.99 -1.83
CA CYS A 43 13.93 -0.05 -1.73
C CYS A 43 15.26 0.44 -2.30
N GLU A 44 15.23 1.05 -3.49
CA GLU A 44 16.48 1.54 -4.09
C GLU A 44 17.14 2.59 -3.20
N LEU A 45 16.35 3.50 -2.64
CA LEU A 45 16.90 4.51 -1.73
C LEU A 45 17.50 3.85 -0.49
N LYS A 46 16.76 2.92 0.12
CA LYS A 46 17.24 2.26 1.33
C LYS A 46 18.51 1.47 1.07
N GLU A 47 18.58 0.76 -0.07
CA GLU A 47 19.79 0.01 -0.40
C GLU A 47 21.01 0.92 -0.44
N THR A 48 20.87 2.08 -1.11
CA THR A 48 22.00 3.00 -1.23
C THR A 48 22.35 3.62 0.11
N LEU A 49 21.36 3.95 0.93
CA LEU A 49 21.59 4.64 2.20
C LEU A 49 22.14 3.69 3.27
N GLU A 50 21.52 2.53 3.42
CA GLU A 50 21.85 1.60 4.49
C GLU A 50 22.84 0.53 4.05
N GLY A 51 23.46 0.70 2.89
CA GLY A 51 24.48 -0.20 2.39
C GLY A 51 24.09 -1.68 2.40
N LYS A 52 23.13 -2.05 1.57
CA LYS A 52 22.65 -3.43 1.52
C LYS A 52 22.02 -3.70 0.16
N LYS A 53 21.62 -4.96 -0.03
CA LYS A 53 20.84 -5.37 -1.19
C LYS A 53 19.64 -6.16 -0.68
N ILE A 54 18.45 -5.71 -1.05
CA ILE A 54 17.21 -6.37 -0.69
C ILE A 54 16.83 -7.32 -1.81
N ASN A 55 16.17 -8.42 -1.46
CA ASN A 55 15.65 -9.34 -2.49
C ASN A 55 14.45 -8.65 -3.11
N LYS A 56 14.66 -8.02 -4.26
CA LYS A 56 13.60 -7.19 -4.83
C LYS A 56 12.48 -8.03 -5.41
N GLU A 57 12.78 -9.24 -5.91
CA GLU A 57 11.70 -10.13 -6.33
C GLU A 57 10.70 -10.34 -5.21
N LYS A 58 11.18 -10.70 -4.02
CA LYS A 58 10.28 -10.95 -2.90
C LYS A 58 9.55 -9.68 -2.47
N LEU A 59 10.22 -8.53 -2.51
CA LEU A 59 9.57 -7.30 -2.11
C LEU A 59 8.46 -6.94 -3.09
N LEU A 60 8.75 -7.04 -4.39
CA LEU A 60 7.76 -6.62 -5.37
C LEU A 60 6.56 -7.54 -5.36
N LEU A 61 6.79 -8.84 -5.18
CA LEU A 61 5.70 -9.79 -5.07
C LEU A 61 4.88 -9.54 -3.82
N TYR A 62 5.53 -9.17 -2.70
CA TYR A 62 4.77 -8.90 -1.49
C TYR A 62 3.91 -7.67 -1.65
N ALA A 63 4.45 -6.61 -2.28
CA ALA A 63 3.64 -5.44 -2.57
C ALA A 63 2.50 -5.77 -3.52
N LEU A 64 2.77 -6.61 -4.54
CA LEU A 64 1.77 -6.92 -5.54
C LEU A 64 0.54 -7.58 -4.91
N TYR A 65 0.75 -8.52 -3.98
CA TYR A 65 -0.38 -9.22 -3.39
C TYR A 65 -0.74 -8.71 -2.00
N HIS A 66 -0.18 -7.58 -1.58
N HIS A 66 -0.21 -7.57 -1.57
CA HIS A 66 -0.35 -7.10 -0.20
CA HIS A 66 -0.35 -7.21 -0.15
C HIS A 66 -1.81 -7.06 0.22
C HIS A 66 -1.79 -6.91 0.27
N ASP A 67 -2.68 -6.58 -0.67
CA ASP A 67 -4.08 -6.34 -0.32
C ASP A 67 -5.03 -7.37 -0.91
N VAL A 68 -4.49 -8.51 -1.37
CA VAL A 68 -5.32 -9.48 -2.07
C VAL A 68 -6.44 -10.01 -1.18
N THR A 69 -6.23 -10.09 0.15
CA THR A 69 -7.31 -10.57 1.02
C THR A 69 -8.50 -9.64 1.07
N GLU A 70 -8.36 -8.39 0.60
CA GLU A 70 -9.50 -7.49 0.58
C GLU A 70 -10.55 -7.87 -0.45
N VAL A 71 -10.26 -8.82 -1.33
CA VAL A 71 -11.29 -9.40 -2.18
C VAL A 71 -12.34 -10.12 -1.35
N VAL A 72 -11.98 -10.55 -0.14
CA VAL A 72 -12.92 -11.15 0.81
C VAL A 72 -13.36 -10.15 1.88
N SER A 73 -12.40 -9.46 2.51
CA SER A 73 -12.74 -8.60 3.66
C SER A 73 -13.38 -7.29 3.25
N THR A 74 -13.25 -6.92 1.97
CA THR A 74 -13.38 -5.55 1.47
C THR A 74 -12.30 -4.70 2.13
N HIS A 75 -12.23 -3.44 1.75
CA HIS A 75 -11.22 -2.54 2.27
C HIS A 75 -11.82 -1.78 3.45
N ILE A 76 -11.31 -2.07 4.64
CA ILE A 76 -11.77 -1.43 5.86
C ILE A 76 -10.83 -0.27 6.14
N ILE A 77 -11.37 0.95 6.17
CA ILE A 77 -10.50 2.11 6.31
C ILE A 77 -9.78 2.06 7.65
N SER A 78 -8.57 2.62 7.69
CA SER A 78 -7.72 2.43 8.86
C SER A 78 -8.27 3.03 10.15
N PRO A 79 -9.01 4.15 10.16
CA PRO A 79 -9.59 4.61 11.43
C PRO A 79 -10.53 3.61 12.06
N VAL A 80 -11.10 2.71 11.26
CA VAL A 80 -11.97 1.66 11.78
C VAL A 80 -11.16 0.41 12.14
N LYS A 81 -10.36 -0.05 11.18
CA LYS A 81 -9.57 -1.26 11.35
C LYS A 81 -8.61 -1.17 12.53
N LYS A 82 -8.13 0.04 12.84
CA LYS A 82 -7.15 0.19 13.91
C LYS A 82 -7.79 0.54 15.24
N ASN A 83 -9.12 0.56 15.32
CA ASN A 83 -9.78 0.70 16.60
C ASN A 83 -9.42 -0.48 17.49
N SER A 84 -9.18 -0.21 18.78
CA SER A 84 -8.76 -1.29 19.68
C SER A 84 -9.77 -2.42 19.72
N ILE A 85 -11.06 -2.12 19.54
CA ILE A 85 -12.10 -3.14 19.51
C ILE A 85 -11.91 -4.08 18.31
N LEU A 86 -11.40 -3.55 17.19
CA LEU A 86 -11.41 -4.29 15.94
C LEU A 86 -10.03 -4.73 15.47
N LYS A 87 -8.95 -4.13 16.00
CA LYS A 87 -7.60 -4.35 15.49
C LYS A 87 -7.23 -5.83 15.42
N ASP A 88 -7.27 -6.51 16.57
CA ASP A 88 -6.87 -7.91 16.62
C ASP A 88 -7.89 -8.83 15.94
N PRO A 89 -9.20 -8.63 16.13
CA PRO A 89 -10.15 -9.44 15.35
C PRO A 89 -9.95 -9.34 13.84
N PHE A 90 -9.73 -8.15 13.30
CA PHE A 90 -9.56 -8.04 11.87
C PHE A 90 -8.26 -8.71 11.39
N ASN A 91 -7.20 -8.64 12.20
CA ASN A 91 -5.98 -9.35 11.81
C ASN A 91 -6.21 -10.86 11.80
N ALA A 92 -6.99 -11.36 12.76
CA ALA A 92 -7.33 -12.78 12.78
C ALA A 92 -8.18 -13.15 11.58
N PHE A 93 -9.11 -12.28 11.20
CA PHE A 93 -9.89 -12.48 9.98
C PHE A 93 -8.97 -12.52 8.75
N ARG A 94 -8.05 -11.56 8.65
CA ARG A 94 -7.12 -11.53 7.51
C ARG A 94 -6.32 -12.82 7.44
N GLU A 95 -5.97 -13.39 8.60
CA GLU A 95 -5.21 -14.65 8.60
C GLU A 95 -6.07 -15.81 8.13
N GLN A 96 -7.35 -15.85 8.53
CA GLN A 96 -8.25 -16.88 8.04
C GLN A 96 -8.42 -16.79 6.52
N ILE A 97 -8.47 -15.57 5.97
CA ILE A 97 -8.61 -15.41 4.53
C ILE A 97 -7.37 -15.94 3.81
N LYS A 98 -6.19 -15.51 4.28
CA LYS A 98 -4.93 -15.99 3.70
C LYS A 98 -4.89 -17.51 3.62
N ASN A 99 -5.34 -18.19 4.68
CA ASN A 99 -5.25 -19.64 4.75
C ASN A 99 -6.15 -20.34 3.75
N SER A 100 -7.13 -19.65 3.19
CA SER A 100 -8.13 -20.26 2.33
C SER A 100 -8.11 -19.77 0.89
N LEU A 101 -7.29 -18.77 0.57
CA LEU A 101 -7.48 -18.02 -0.67
C LEU A 101 -7.18 -18.88 -1.89
N PHE A 102 -5.94 -19.34 -2.03
CA PHE A 102 -5.48 -20.02 -3.24
C PHE A 102 -5.64 -21.53 -3.13
N ASP A 103 -6.88 -21.96 -2.85
CA ASP A 103 -7.16 -23.34 -2.47
C ASP A 103 -6.99 -24.32 -3.62
N ASN A 104 -6.93 -23.84 -4.88
CA ASN A 104 -7.06 -24.72 -6.03
C ASN A 104 -6.04 -24.36 -7.11
N LEU A 105 -4.77 -24.59 -6.83
CA LEU A 105 -3.67 -24.25 -7.72
C LEU A 105 -2.71 -25.42 -7.87
N PRO A 106 -1.92 -25.45 -8.95
CA PRO A 106 -0.82 -26.41 -9.01
C PRO A 106 0.23 -26.12 -7.94
N ILE A 107 0.72 -27.20 -7.31
CA ILE A 107 1.42 -27.06 -6.03
C ILE A 107 2.66 -26.18 -6.13
N THR A 108 3.38 -26.23 -7.26
CA THR A 108 4.51 -25.33 -7.43
C THR A 108 4.05 -23.87 -7.42
N LEU A 109 2.88 -23.60 -8.00
CA LEU A 109 2.32 -22.26 -7.99
C LEU A 109 1.69 -21.93 -6.64
N SER A 110 0.97 -22.88 -6.05
CA SER A 110 0.29 -22.61 -4.79
C SER A 110 1.30 -22.37 -3.67
N ASP A 111 2.41 -23.10 -3.67
CA ASP A 111 3.44 -22.87 -2.65
C ASP A 111 4.09 -21.50 -2.84
N THR A 112 4.33 -21.10 -4.09
CA THR A 112 4.88 -19.78 -4.34
C THR A 112 3.96 -18.69 -3.83
N LEU A 113 2.66 -18.84 -4.00
CA LEU A 113 1.71 -17.84 -3.52
C LEU A 113 1.59 -17.86 -2.00
N SER A 114 1.55 -19.06 -1.41
CA SER A 114 1.57 -19.15 0.05
C SER A 114 2.85 -18.53 0.61
N THR A 115 3.97 -18.73 -0.09
CA THR A 115 5.23 -18.14 0.33
C THR A 115 5.13 -16.62 0.38
N ILE A 116 4.49 -16.00 -0.62
CA ILE A 116 4.37 -14.55 -0.66
C ILE A 116 3.48 -14.06 0.47
N LEU A 117 2.30 -14.65 0.61
CA LEU A 117 1.32 -14.14 1.57
C LEU A 117 1.77 -14.31 3.01
N ASN A 118 2.54 -15.36 3.29
CA ASN A 118 3.03 -15.66 4.64
C ASN A 118 4.49 -15.26 4.83
N ASN A 119 5.02 -14.40 3.97
CA ASN A 119 6.41 -13.95 4.07
C ASN A 119 6.70 -13.39 5.45
N ASN A 120 7.65 -13.97 6.16
CA ASN A 120 8.03 -13.47 7.48
C ASN A 120 9.26 -12.57 7.42
N ASP A 121 9.56 -12.00 6.25
CA ASP A 121 10.65 -11.04 6.17
C ASP A 121 10.17 -9.72 6.74
N LEU A 122 10.69 -9.35 7.91
CA LEU A 122 10.20 -8.18 8.61
C LEU A 122 10.52 -6.90 7.86
N GLU A 123 11.64 -6.87 7.13
CA GLU A 123 12.03 -5.65 6.45
C GLU A 123 11.15 -5.41 5.23
N ILE A 124 10.84 -6.48 4.49
CA ILE A 124 9.93 -6.34 3.35
C ILE A 124 8.56 -5.89 3.82
N GLN A 125 8.06 -6.47 4.91
CA GLN A 125 6.77 -6.06 5.47
C GLN A 125 6.77 -4.59 5.82
N GLU A 126 7.87 -4.12 6.39
CA GLU A 126 7.99 -2.73 6.81
C GLU A 126 8.08 -1.78 5.62
N ILE A 127 8.83 -2.13 4.57
CA ILE A 127 8.90 -1.28 3.39
C ILE A 127 7.51 -1.09 2.79
N VAL A 128 6.76 -2.18 2.66
CA VAL A 128 5.44 -2.05 2.03
C VAL A 128 4.47 -1.30 2.93
N GLU A 129 4.58 -1.48 4.26
N GLU A 129 4.59 -1.48 4.26
CA GLU A 129 3.75 -0.66 5.15
CA GLU A 129 3.77 -0.67 5.16
C GLU A 129 4.06 0.82 4.97
C GLU A 129 4.07 0.81 4.98
N HIS A 130 5.34 1.16 4.81
CA HIS A 130 5.70 2.55 4.56
C HIS A 130 5.17 3.02 3.20
N ALA A 131 5.29 2.16 2.18
CA ALA A 131 4.75 2.49 0.86
C ALA A 131 3.25 2.72 0.94
N ASP A 132 2.53 1.90 1.73
CA ASP A 132 1.08 2.09 1.87
C ASP A 132 0.78 3.46 2.44
N HIS A 133 1.56 3.89 3.44
CA HIS A 133 1.33 5.20 4.02
C HIS A 133 1.65 6.31 3.03
N VAL A 134 2.75 6.16 2.28
CA VAL A 134 3.08 7.15 1.25
C VAL A 134 1.95 7.25 0.23
N ASP A 135 1.44 6.11 -0.22
CA ASP A 135 0.38 6.16 -1.22
C ASP A 135 -0.86 6.84 -0.69
N ALA A 136 -1.26 6.52 0.55
CA ALA A 136 -2.43 7.18 1.11
C ALA A 136 -2.21 8.68 1.20
N TYR A 137 -1.00 9.08 1.57
CA TYR A 137 -0.68 10.51 1.59
C TYR A 137 -0.78 11.11 0.19
N CYS A 138 -0.23 10.43 -0.80
CA CYS A 138 -0.27 10.93 -2.18
C CYS A 138 -1.71 11.10 -2.66
N LYS A 139 -2.56 10.12 -2.38
CA LYS A 139 -3.97 10.25 -2.77
C LYS A 139 -4.60 11.47 -2.11
N SER A 140 -4.32 11.69 -0.83
CA SER A 140 -4.88 12.84 -0.14
C SER A 140 -4.37 14.14 -0.76
N CYS A 141 -3.11 14.16 -1.21
CA CYS A 141 -2.56 15.33 -1.89
C CYS A 141 -3.27 15.57 -3.21
N ILE A 142 -3.52 14.52 -3.98
CA ILE A 142 -4.21 14.70 -5.25
C ILE A 142 -5.62 15.20 -5.03
N GLU A 143 -6.34 14.61 -4.05
CA GLU A 143 -7.71 15.08 -3.81
C GLU A 143 -7.72 16.56 -3.41
N VAL A 144 -6.85 16.95 -2.48
CA VAL A 144 -6.78 18.38 -2.12
C VAL A 144 -6.43 19.23 -3.33
N HIS A 145 -5.50 18.77 -4.16
CA HIS A 145 -5.14 19.48 -5.39
C HIS A 145 -6.34 19.68 -6.32
N ARG A 146 -7.20 18.67 -6.44
CA ARG A 146 -8.43 18.80 -7.23
C ARG A 146 -9.40 19.81 -6.66
N GLY A 147 -9.24 20.19 -5.41
CA GLY A 147 -10.14 21.10 -4.74
C GLY A 147 -11.01 20.46 -3.70
N ASN A 148 -10.64 19.28 -3.21
CA ASN A 148 -11.48 18.52 -2.29
C ASN A 148 -11.14 18.91 -0.86
N LYS A 149 -11.88 19.88 -0.31
CA LYS A 149 -11.58 20.34 1.03
C LYS A 149 -11.81 19.27 2.09
N ASP A 150 -12.67 18.27 1.82
CA ASP A 150 -12.86 17.20 2.79
C ASP A 150 -11.59 16.40 3.02
N PHE A 151 -10.62 16.47 2.10
CA PHE A 151 -9.38 15.72 2.31
C PHE A 151 -8.29 16.54 2.99
N ILE A 152 -8.56 17.80 3.35
CA ILE A 152 -7.50 18.59 3.96
C ILE A 152 -7.10 18.01 5.32
N SER A 153 -8.08 17.62 6.13
CA SER A 153 -7.77 17.07 7.44
C SER A 153 -7.14 15.68 7.32
N ILE A 154 -7.53 14.93 6.29
CA ILE A 154 -6.90 13.64 6.02
C ILE A 154 -5.45 13.83 5.62
N GLN A 155 -5.20 14.76 4.70
CA GLN A 155 -3.83 15.06 4.30
C GLN A 155 -2.99 15.51 5.48
N ARG A 156 -3.57 16.31 6.37
CA ARG A 156 -2.84 16.78 7.55
C ARG A 156 -2.46 15.63 8.46
N SER A 157 -3.40 14.72 8.71
CA SER A 157 -3.14 13.58 9.59
C SER A 157 -2.07 12.66 9.00
N LEU A 158 -2.22 12.32 7.73
CA LEU A 158 -1.26 11.42 7.09
C LEU A 158 0.12 12.08 6.96
N GLY A 159 0.13 13.39 6.70
CA GLY A 159 1.40 14.08 6.55
C GLY A 159 2.12 14.19 7.89
N ASP A 160 1.38 14.38 8.97
CA ASP A 160 1.98 14.41 10.30
C ASP A 160 2.64 13.09 10.64
N LYS A 161 1.94 11.98 10.36
CA LYS A 161 2.52 10.68 10.63
C LYS A 161 3.74 10.42 9.73
N LEU A 162 3.64 10.80 8.46
CA LEU A 162 4.77 10.66 7.56
C LEU A 162 5.98 11.44 8.08
N ASP A 163 5.76 12.69 8.49
CA ASP A 163 6.85 13.49 9.02
C ASP A 163 7.52 12.80 10.22
N ASN A 164 6.71 12.24 11.13
CA ASN A 164 7.30 11.50 12.26
C ASN A 164 8.05 10.27 11.78
N LEU A 165 7.57 9.61 10.73
CA LEU A 165 8.29 8.44 10.22
C LEU A 165 9.64 8.84 9.65
N THR A 166 9.72 9.97 8.95
CA THR A 166 10.97 10.38 8.33
C THR A 166 12.06 10.67 9.36
N LYS A 167 11.68 10.93 10.62
CA LYS A 167 12.68 11.15 11.67
C LYS A 167 13.37 9.86 12.06
N GLU A 168 12.75 8.71 11.81
CA GLU A 168 13.30 7.44 12.21
C GLU A 168 13.78 6.58 11.05
N TYR A 169 13.40 6.89 9.82
CA TYR A 169 13.73 6.09 8.65
C TYR A 169 14.32 6.97 7.56
N PRO A 170 15.65 7.04 7.46
CA PRO A 170 16.27 7.94 6.49
C PRO A 170 15.83 7.72 5.05
N TYR A 171 15.51 6.49 4.63
CA TYR A 171 15.10 6.32 3.24
C TYR A 171 13.74 6.97 2.99
N LEU A 172 12.89 7.06 4.01
CA LEU A 172 11.62 7.78 3.84
C LEU A 172 11.84 9.27 3.78
N LYS A 173 12.78 9.79 4.57
CA LYS A 173 13.09 11.21 4.50
C LYS A 173 13.64 11.58 3.12
N GLU A 174 14.50 10.72 2.56
CA GLU A 174 15.00 10.98 1.21
C GLU A 174 13.87 10.95 0.18
N PHE A 175 13.00 9.94 0.26
CA PHE A 175 11.84 9.89 -0.63
C PHE A 175 11.02 11.16 -0.53
N GLN A 176 10.77 11.60 0.70
CA GLN A 176 9.99 12.83 0.88
C GLN A 176 10.68 14.01 0.21
N ASN A 177 12.00 14.11 0.38
CA ASN A 177 12.74 15.20 -0.27
C ASN A 177 12.74 15.10 -1.79
N LEU A 178 12.71 13.88 -2.32
CA LEU A 178 12.77 13.73 -3.76
C LEU A 178 11.41 13.99 -4.42
N PHE A 179 10.31 13.60 -3.78
CA PHE A 179 9.03 13.58 -4.47
C PHE A 179 7.85 14.26 -3.76
N LEU A 180 7.87 14.35 -2.43
CA LEU A 180 6.65 14.71 -1.71
C LEU A 180 6.58 16.17 -1.30
N LYS A 181 7.61 16.97 -1.60
CA LYS A 181 7.56 18.38 -1.26
C LYS A 181 6.82 19.19 -2.33
N ASP A 182 6.64 18.62 -3.52
CA ASP A 182 5.95 19.26 -4.64
C ASP A 182 5.10 18.17 -5.31
N PHE A 183 3.98 17.83 -4.67
CA PHE A 183 3.14 16.76 -5.19
C PHE A 183 1.65 17.01 -4.96
N PRO A 184 0.84 16.86 -6.02
CA PRO A 184 1.24 16.52 -7.39
C PRO A 184 1.80 17.72 -8.14
N LEU A 185 2.38 17.48 -9.31
CA LEU A 185 2.88 18.58 -10.12
C LEU A 185 1.72 19.32 -10.76
N GLU A 186 1.67 20.65 -10.58
CA GLU A 186 0.58 21.42 -11.14
C GLU A 186 0.71 21.52 -12.66
N ASN A 187 1.94 21.67 -13.16
CA ASN A 187 2.23 21.79 -14.59
C ASN A 187 2.92 20.51 -15.06
N LYS A 188 2.25 19.77 -15.95
CA LYS A 188 2.72 18.46 -16.41
C LYS A 188 3.72 18.57 -17.55
N ASN A 189 4.83 19.29 -17.29
CA ASN A 189 5.77 19.63 -18.35
C ASN A 189 6.29 18.41 -19.12
N TYR A 190 6.43 17.27 -18.44
CA TYR A 190 7.00 16.08 -19.06
C TYR A 190 6.12 15.51 -20.16
N ARG A 191 4.88 15.98 -20.32
CA ARG A 191 4.02 15.51 -21.40
C ARG A 191 4.38 16.11 -22.76
N TYR A 192 5.23 17.13 -22.79
CA TYR A 192 5.37 17.96 -23.98
C TYR A 192 6.80 18.01 -24.51
#